data_5L7E
#
_entry.id   5L7E
#
_cell.length_a   48.620
_cell.length_b   77.830
_cell.length_c   78.650
_cell.angle_alpha   90.00
_cell.angle_beta   90.00
_cell.angle_gamma   90.00
#
_symmetry.space_group_name_H-M   'P 21 21 21'
#
loop_
_entity.id
_entity.type
_entity.pdbx_description
1 polymer 'Mineralocorticoid receptor'
2 polymer 'NCOA1 peptide'
3 non-polymer '2-[N-CYCLOHEXYLAMINO]ETHANE SULFONIC ACID'
4 non-polymer (4S)-2-METHYL-2,4-PENTANEDIOL
5 non-polymer 'SULFATE ION'
6 non-polymer 1,2-ETHANEDIOL
7 non-polymer ~{N}-[[4-(3,5-dimethyl-1,2-oxazol-4-yl)phenyl]methyl]benzenesulfonamide
8 water water
#
loop_
_entity_poly.entity_id
_entity_poly.type
_entity_poly.pdbx_seq_one_letter_code
_entity_poly.pdbx_strand_id
1 'polypeptide(L)'
;MHNHNHNHNHNHNGGENLYFQGTPSPVMVLENIEPEIVYAGYDSSKPDTAENLLSTLNRLAGKQMIQVVKWAKVLPGFKN
LPLEDQITLIQYSWMSLLSFALSWRSYKHTNSQFLYFAPDLVFNEEKMHQSAMYELCQGMHQISLQFVRLQLTFEEYTIM
KVLLLLSTIPKDGLKSQAAFEEMRTNYIKELRKMVTKSPNNSGQSWQRFYQLTKLLDSMHDLVSDLLEFCFYTFRESHAL
KVEFPAMLVEIISDQLPKVESGNAKPLYFHRKGGSLVPRGSGGGSGGSGGPQAQQKSLLQQLLTE
;
A
2 'polypeptide(L)' KSLLQQLLTE B
#
loop_
_chem_comp.id
_chem_comp.type
_chem_comp.name
_chem_comp.formula
6Q0 non-polymer ~{N}-[[4-(3,5-dimethyl-1,2-oxazol-4-yl)phenyl]methyl]benzenesulfonamide 'C18 H18 N2 O3 S'
EDO non-polymer 1,2-ETHANEDIOL 'C2 H6 O2'
MPD non-polymer (4S)-2-METHYL-2,4-PENTANEDIOL 'C6 H14 O2'
NHE non-polymer '2-[N-CYCLOHEXYLAMINO]ETHANE SULFONIC ACID' 'C8 H17 N O3 S'
SO4 non-polymer 'SULFATE ION' 'O4 S -2'
#
# COMPACT_ATOMS: atom_id res chain seq x y z
N SER A 25 -3.47 -1.11 -23.35
CA SER A 25 -2.39 -2.09 -23.31
C SER A 25 -1.65 -2.11 -21.97
N PRO A 26 -0.98 -1.01 -21.48
CA PRO A 26 -0.32 -1.10 -20.16
C PRO A 26 -1.33 -1.44 -19.06
N VAL A 27 -2.55 -0.89 -19.16
CA VAL A 27 -3.63 -1.16 -18.20
C VAL A 27 -4.07 -2.63 -18.25
N MET A 28 -4.08 -3.22 -19.46
N MET A 28 -4.11 -3.23 -19.45
CA MET A 28 -4.46 -4.63 -19.68
CA MET A 28 -4.51 -4.63 -19.56
C MET A 28 -3.42 -5.50 -19.01
C MET A 28 -3.42 -5.53 -18.98
N VAL A 29 -2.13 -5.10 -19.06
CA VAL A 29 -1.03 -5.84 -18.41
C VAL A 29 -1.28 -5.77 -16.91
N LEU A 30 -1.58 -4.55 -16.37
CA LEU A 30 -1.87 -4.35 -14.93
C LEU A 30 -2.96 -5.31 -14.44
N GLU A 31 -4.06 -5.42 -15.21
CA GLU A 31 -5.15 -6.32 -14.82
C GLU A 31 -4.73 -7.76 -14.71
N ASN A 32 -3.83 -8.21 -15.61
CA ASN A 32 -3.37 -9.60 -15.63
C ASN A 32 -2.29 -9.94 -14.64
N ILE A 33 -1.54 -8.94 -14.13
CA ILE A 33 -0.44 -9.21 -13.19
C ILE A 33 -0.84 -9.00 -11.73
N GLU A 34 -2.13 -8.70 -11.47
CA GLU A 34 -2.64 -8.50 -10.13
C GLU A 34 -2.43 -9.77 -9.32
N PRO A 35 -1.73 -9.71 -8.16
CA PRO A 35 -1.41 -10.93 -7.41
C PRO A 35 -2.67 -11.63 -6.91
N GLU A 36 -2.59 -12.95 -6.73
CA GLU A 36 -3.71 -13.72 -6.19
C GLU A 36 -3.89 -13.34 -4.70
N ILE A 37 -5.11 -13.46 -4.19
CA ILE A 37 -5.38 -13.17 -2.77
C ILE A 37 -4.63 -14.22 -1.90
N VAL A 38 -4.13 -13.81 -0.74
CA VAL A 38 -3.41 -14.74 0.14
C VAL A 38 -4.12 -14.85 1.49
N TYR A 39 -3.99 -16.01 2.15
CA TYR A 39 -4.62 -16.22 3.45
C TYR A 39 -3.76 -15.63 4.56
N ALA A 40 -4.40 -15.26 5.67
CA ALA A 40 -3.72 -14.70 6.83
C ALA A 40 -3.09 -15.79 7.70
N GLY A 41 -3.69 -16.98 7.71
CA GLY A 41 -3.25 -18.07 8.57
C GLY A 41 -3.67 -17.76 10.00
N TYR A 42 -4.83 -17.12 10.13
CA TYR A 42 -5.41 -16.70 11.40
C TYR A 42 -5.92 -17.89 12.22
N ASP A 43 -5.50 -17.98 13.49
CA ASP A 43 -5.89 -19.02 14.44
C ASP A 43 -7.00 -18.51 15.36
N SER A 44 -8.26 -18.81 14.99
CA SER A 44 -9.46 -18.38 15.71
C SER A 44 -9.69 -19.15 17.03
N SER A 45 -8.83 -20.14 17.33
CA SER A 45 -8.90 -20.91 18.57
C SER A 45 -8.09 -20.18 19.64
N LYS A 46 -7.11 -19.34 19.22
CA LYS A 46 -6.26 -18.53 20.09
C LYS A 46 -7.04 -17.30 20.59
N PRO A 47 -6.74 -16.73 21.79
CA PRO A 47 -7.51 -15.55 22.24
C PRO A 47 -7.30 -14.36 21.32
N ASP A 48 -8.37 -13.58 21.09
CA ASP A 48 -8.29 -12.42 20.20
C ASP A 48 -7.75 -11.20 20.87
N THR A 49 -6.51 -11.31 21.37
CA THR A 49 -5.82 -10.21 22.00
C THR A 49 -5.23 -9.35 20.88
N ALA A 50 -4.81 -8.12 21.21
CA ALA A 50 -4.18 -7.21 20.26
C ALA A 50 -2.87 -7.84 19.73
N GLU A 51 -2.08 -8.51 20.61
CA GLU A 51 -0.83 -9.15 20.19
C GLU A 51 -1.00 -10.25 19.16
N ASN A 52 -2.02 -11.11 19.34
CA ASN A 52 -2.30 -12.20 18.42
C ASN A 52 -2.83 -11.67 17.08
N LEU A 53 -3.77 -10.71 17.12
CA LEU A 53 -4.31 -10.11 15.89
C LEU A 53 -3.23 -9.34 15.13
N LEU A 54 -2.47 -8.48 15.83
CA LEU A 54 -1.40 -7.69 15.18
C LEU A 54 -0.31 -8.59 14.63
N SER A 55 0.07 -9.68 15.37
CA SER A 55 1.11 -10.60 14.86
C SER A 55 0.63 -11.29 13.56
N THR A 56 -0.66 -11.68 13.52
CA THR A 56 -1.25 -12.33 12.34
C THR A 56 -1.25 -11.34 11.16
N LEU A 57 -1.66 -10.08 11.42
CA LEU A 57 -1.67 -9.03 10.39
C LEU A 57 -0.26 -8.75 9.86
N ASN A 58 0.74 -8.72 10.77
CA ASN A 58 2.15 -8.51 10.39
C ASN A 58 2.68 -9.65 9.53
N ARG A 59 2.36 -10.93 9.88
CA ARG A 59 2.76 -12.09 9.06
C ARG A 59 2.08 -11.98 7.66
N LEU A 60 0.77 -11.62 7.63
CA LEU A 60 0.07 -11.43 6.36
C LEU A 60 0.75 -10.32 5.52
N ALA A 61 1.12 -9.20 6.14
CA ALA A 61 1.81 -8.10 5.43
C ALA A 61 3.13 -8.57 4.84
N GLY A 62 3.88 -9.41 5.58
CA GLY A 62 5.15 -9.94 5.08
C GLY A 62 4.92 -10.75 3.81
N LYS A 63 3.88 -11.62 3.81
CA LYS A 63 3.54 -12.45 2.64
C LYS A 63 3.11 -11.58 1.46
N GLN A 64 2.29 -10.57 1.75
CA GLN A 64 1.83 -9.62 0.75
C GLN A 64 2.97 -8.79 0.18
N MET A 65 4.00 -8.49 1.00
CA MET A 65 5.17 -7.76 0.49
C MET A 65 5.99 -8.57 -0.52
N ILE A 66 6.03 -9.91 -0.36
CA ILE A 66 6.72 -10.74 -1.37
C ILE A 66 5.95 -10.62 -2.72
N GLN A 67 4.62 -10.63 -2.66
CA GLN A 67 3.77 -10.44 -3.83
C GLN A 67 3.98 -9.07 -4.47
N VAL A 68 4.12 -8.00 -3.65
CA VAL A 68 4.39 -6.63 -4.15
C VAL A 68 5.69 -6.64 -4.94
N VAL A 69 6.76 -7.22 -4.38
CA VAL A 69 8.04 -7.28 -5.09
C VAL A 69 7.90 -8.00 -6.45
N LYS A 70 7.27 -9.18 -6.48
CA LYS A 70 7.04 -9.95 -7.72
C LYS A 70 6.18 -9.19 -8.75
N TRP A 71 5.17 -8.44 -8.28
CA TRP A 71 4.28 -7.62 -9.12
C TRP A 71 5.10 -6.46 -9.71
N ALA A 72 5.83 -5.71 -8.86
CA ALA A 72 6.66 -4.57 -9.28
C ALA A 72 7.68 -4.96 -10.35
N LYS A 73 8.31 -6.15 -10.20
CA LYS A 73 9.28 -6.64 -11.18
C LYS A 73 8.71 -6.72 -12.60
N VAL A 74 7.39 -7.02 -12.76
CA VAL A 74 6.76 -7.16 -14.09
C VAL A 74 5.88 -5.98 -14.49
N LEU A 75 5.94 -4.90 -13.71
CA LEU A 75 5.18 -3.69 -13.94
C LEU A 75 5.80 -2.96 -15.13
N PRO A 76 5.07 -2.67 -16.23
CA PRO A 76 5.75 -1.99 -17.37
C PRO A 76 6.45 -0.69 -16.97
N GLY A 77 7.75 -0.63 -17.25
CA GLY A 77 8.60 0.51 -16.96
C GLY A 77 9.46 0.42 -15.71
N PHE A 78 9.06 -0.45 -14.75
CA PHE A 78 9.77 -0.54 -13.47
C PHE A 78 11.22 -0.98 -13.57
N LYS A 79 11.48 -1.97 -14.44
CA LYS A 79 12.82 -2.52 -14.70
C LYS A 79 13.80 -1.48 -15.27
N ASN A 80 13.31 -0.39 -15.89
CA ASN A 80 14.16 0.70 -16.41
C ASN A 80 14.80 1.46 -15.24
N LEU A 81 14.16 1.45 -14.06
CA LEU A 81 14.71 2.18 -12.91
C LEU A 81 15.86 1.40 -12.29
N PRO A 82 16.93 2.07 -11.83
CA PRO A 82 18.03 1.33 -11.18
C PRO A 82 17.56 0.62 -9.93
N LEU A 83 18.25 -0.48 -9.60
CA LEU A 83 17.93 -1.32 -8.45
C LEU A 83 17.74 -0.56 -7.15
N GLU A 84 18.67 0.37 -6.81
CA GLU A 84 18.60 1.18 -5.59
C GLU A 84 17.26 1.98 -5.55
N ASP A 85 16.83 2.51 -6.71
CA ASP A 85 15.57 3.28 -6.80
C ASP A 85 14.34 2.38 -6.66
N GLN A 86 14.42 1.16 -7.19
CA GLN A 86 13.31 0.18 -7.08
C GLN A 86 13.09 -0.16 -5.62
N ILE A 87 14.19 -0.37 -4.88
CA ILE A 87 14.17 -0.67 -3.44
C ILE A 87 13.62 0.52 -2.66
N THR A 88 14.11 1.73 -2.96
CA THR A 88 13.63 2.95 -2.29
C THR A 88 12.11 3.10 -2.43
N LEU A 89 11.60 2.96 -3.66
CA LEU A 89 10.16 3.10 -3.95
C LEU A 89 9.29 2.09 -3.22
N ILE A 90 9.69 0.81 -3.23
CA ILE A 90 8.97 -0.25 -2.50
C ILE A 90 9.00 0.04 -0.99
N GLN A 91 10.16 0.41 -0.43
CA GLN A 91 10.27 0.68 1.02
C GLN A 91 9.45 1.89 1.47
N TYR A 92 9.40 2.96 0.66
CA TYR A 92 8.60 4.14 1.03
C TYR A 92 7.09 3.92 0.86
N SER A 93 6.69 3.15 -0.16
CA SER A 93 5.26 3.02 -0.48
C SER A 93 4.52 1.81 0.07
N TRP A 94 5.21 0.85 0.71
CA TRP A 94 4.63 -0.42 1.16
C TRP A 94 3.31 -0.29 1.91
N MET A 95 3.25 0.62 2.92
CA MET A 95 2.00 0.82 3.69
C MET A 95 0.87 1.34 2.82
N SER A 96 1.18 2.26 1.88
N SER A 96 1.18 2.27 1.87
CA SER A 96 0.18 2.82 0.97
CA SER A 96 0.20 2.84 0.94
C SER A 96 -0.40 1.74 0.04
C SER A 96 -0.39 1.74 0.05
N LEU A 97 0.47 0.88 -0.52
CA LEU A 97 0.06 -0.20 -1.42
C LEU A 97 -0.80 -1.22 -0.66
N LEU A 98 -0.38 -1.59 0.55
CA LEU A 98 -1.15 -2.56 1.35
C LEU A 98 -2.51 -2.02 1.78
N SER A 99 -2.57 -0.73 2.19
N SER A 99 -2.57 -0.73 2.17
N SER A 99 -2.57 -0.73 2.17
CA SER A 99 -3.86 -0.15 2.61
CA SER A 99 -3.82 -0.10 2.59
CA SER A 99 -3.83 -0.10 2.60
C SER A 99 -4.82 0.08 1.43
C SER A 99 -4.80 0.06 1.42
C SER A 99 -4.80 0.06 1.43
N PHE A 100 -4.29 0.44 0.24
CA PHE A 100 -5.11 0.63 -0.97
C PHE A 100 -5.72 -0.69 -1.44
N ALA A 101 -4.93 -1.77 -1.37
CA ALA A 101 -5.37 -3.12 -1.79
C ALA A 101 -6.37 -3.65 -0.76
N LEU A 102 -6.17 -3.33 0.53
CA LEU A 102 -7.14 -3.71 1.57
C LEU A 102 -8.51 -3.05 1.26
N SER A 103 -8.49 -1.76 0.90
CA SER A 103 -9.74 -1.08 0.54
C SER A 103 -10.38 -1.70 -0.70
N TRP A 104 -9.55 -2.14 -1.68
CA TRP A 104 -10.10 -2.78 -2.88
C TRP A 104 -10.77 -4.13 -2.51
N ARG A 105 -10.09 -4.98 -1.72
CA ARG A 105 -10.68 -6.25 -1.30
C ARG A 105 -11.96 -6.02 -0.49
N SER A 106 -11.96 -5.01 0.40
CA SER A 106 -13.12 -4.66 1.21
C SER A 106 -14.31 -4.26 0.34
N TYR A 107 -14.03 -3.45 -0.66
CA TYR A 107 -15.02 -2.96 -1.63
C TYR A 107 -15.53 -4.10 -2.52
N LYS A 108 -14.64 -4.86 -3.16
CA LYS A 108 -15.04 -5.95 -4.04
C LYS A 108 -15.80 -7.07 -3.34
N HIS A 109 -15.28 -7.54 -2.22
CA HIS A 109 -15.84 -8.70 -1.52
C HIS A 109 -16.93 -8.44 -0.49
N THR A 110 -17.05 -7.21 0.04
CA THR A 110 -18.04 -6.95 1.08
C THR A 110 -18.90 -5.73 0.82
N ASN A 111 -18.68 -5.05 -0.32
CA ASN A 111 -19.27 -3.75 -0.66
C ASN A 111 -18.88 -2.72 0.43
N SER A 112 -17.64 -2.87 0.95
CA SER A 112 -17.04 -2.01 1.98
C SER A 112 -17.81 -1.97 3.30
N GLN A 113 -18.37 -3.10 3.70
CA GLN A 113 -19.06 -3.24 4.97
C GLN A 113 -18.05 -3.67 6.04
N PHE A 114 -16.99 -4.40 5.61
CA PHE A 114 -15.95 -4.88 6.53
C PHE A 114 -14.55 -4.59 6.01
N LEU A 115 -13.51 -4.79 6.84
CA LEU A 115 -12.12 -4.68 6.37
C LEU A 115 -11.71 -6.11 6.02
N TYR A 116 -11.63 -6.38 4.71
CA TYR A 116 -11.34 -7.74 4.20
C TYR A 116 -9.81 -7.90 4.10
N PHE A 117 -9.15 -8.19 5.24
CA PHE A 117 -7.67 -8.35 5.23
C PHE A 117 -7.32 -9.59 4.39
N ALA A 118 -8.10 -10.67 4.57
CA ALA A 118 -7.90 -11.91 3.83
C ALA A 118 -9.21 -12.69 3.91
N PRO A 119 -9.42 -13.73 3.06
CA PRO A 119 -10.66 -14.52 3.17
C PRO A 119 -10.89 -15.10 4.57
N ASP A 120 -9.82 -15.42 5.30
CA ASP A 120 -9.86 -16.00 6.66
C ASP A 120 -9.71 -14.94 7.78
N LEU A 121 -9.67 -13.65 7.43
CA LEU A 121 -9.54 -12.58 8.44
C LEU A 121 -10.26 -11.32 7.97
N VAL A 122 -11.52 -11.25 8.36
CA VAL A 122 -12.40 -10.16 7.96
C VAL A 122 -12.76 -9.41 9.24
N PHE A 123 -12.43 -8.11 9.31
CA PHE A 123 -12.67 -7.34 10.53
C PHE A 123 -14.04 -6.71 10.57
N ASN A 124 -14.74 -6.96 11.66
CA ASN A 124 -16.01 -6.31 12.01
C ASN A 124 -15.65 -5.33 13.15
N GLU A 125 -16.63 -4.62 13.74
CA GLU A 125 -16.38 -3.70 14.87
C GLU A 125 -15.61 -4.37 16.00
N GLU A 126 -15.94 -5.63 16.34
CA GLU A 126 -15.31 -6.40 17.41
C GLU A 126 -13.80 -6.50 17.20
N LYS A 127 -13.37 -6.93 16.01
CA LYS A 127 -11.95 -7.07 15.69
C LYS A 127 -11.21 -5.75 15.61
N MET A 128 -11.88 -4.69 15.16
CA MET A 128 -11.29 -3.34 15.11
C MET A 128 -10.89 -2.92 16.54
N HIS A 129 -11.80 -3.16 17.52
CA HIS A 129 -11.52 -2.84 18.91
C HIS A 129 -10.44 -3.74 19.48
N GLN A 130 -10.55 -5.07 19.28
CA GLN A 130 -9.60 -6.04 19.82
C GLN A 130 -8.19 -5.84 19.32
N SER A 131 -8.03 -5.31 18.09
CA SER A 131 -6.70 -5.10 17.49
C SER A 131 -5.93 -3.94 18.14
N ALA A 132 -6.62 -3.11 18.97
CA ALA A 132 -6.12 -1.89 19.65
C ALA A 132 -5.73 -0.82 18.62
N MET A 133 -6.35 -0.92 17.43
CA MET A 133 -6.13 -0.04 16.26
C MET A 133 -7.46 0.50 15.78
N TYR A 134 -8.46 0.64 16.67
CA TYR A 134 -9.81 1.05 16.26
C TYR A 134 -9.92 2.26 15.30
N GLU A 135 -9.37 3.41 15.69
CA GLU A 135 -9.44 4.65 14.91
C GLU A 135 -8.69 4.54 13.60
N LEU A 136 -7.55 3.80 13.59
CA LEU A 136 -6.79 3.58 12.35
C LEU A 136 -7.59 2.67 11.41
N CYS A 137 -8.31 1.65 11.96
CA CYS A 137 -9.20 0.80 11.15
C CYS A 137 -10.33 1.65 10.51
N GLN A 138 -10.90 2.61 11.26
N GLN A 138 -10.92 2.61 11.26
CA GLN A 138 -11.93 3.53 10.76
CA GLN A 138 -11.95 3.49 10.71
C GLN A 138 -11.37 4.35 9.59
C GLN A 138 -11.38 4.36 9.57
N GLY A 139 -10.12 4.81 9.72
CA GLY A 139 -9.42 5.58 8.68
C GLY A 139 -9.24 4.78 7.40
N MET A 140 -8.81 3.50 7.55
CA MET A 140 -8.65 2.62 6.37
C MET A 140 -10.02 2.33 5.77
N HIS A 141 -11.06 2.16 6.63
CA HIS A 141 -12.43 1.89 6.17
C HIS A 141 -13.01 3.07 5.38
N GLN A 142 -12.64 4.32 5.73
CA GLN A 142 -13.11 5.52 4.99
C GLN A 142 -12.65 5.48 3.54
N ILE A 143 -11.46 4.93 3.25
CA ILE A 143 -10.98 4.77 1.86
C ILE A 143 -11.92 3.76 1.15
N SER A 144 -12.24 2.63 1.81
CA SER A 144 -13.15 1.62 1.24
C SER A 144 -14.52 2.24 0.94
N LEU A 145 -14.99 3.14 1.81
CA LEU A 145 -16.27 3.86 1.63
C LEU A 145 -16.21 4.82 0.47
N GLN A 146 -15.03 5.44 0.23
CA GLN A 146 -14.86 6.31 -0.94
C GLN A 146 -14.93 5.51 -2.24
N PHE A 147 -14.44 4.24 -2.23
CA PHE A 147 -14.50 3.41 -3.44
C PHE A 147 -15.97 3.15 -3.84
N VAL A 148 -16.85 2.94 -2.83
CA VAL A 148 -18.29 2.74 -3.06
C VAL A 148 -18.90 4.02 -3.65
N ARG A 149 -18.61 5.18 -3.04
CA ARG A 149 -19.10 6.49 -3.47
C ARG A 149 -18.77 6.76 -4.92
N LEU A 150 -17.51 6.52 -5.30
CA LEU A 150 -17.03 6.78 -6.65
C LEU A 150 -17.32 5.67 -7.64
N GLN A 151 -17.68 4.45 -7.16
CA GLN A 151 -17.91 3.27 -8.00
C GLN A 151 -16.59 3.01 -8.79
N LEU A 152 -15.50 3.01 -8.03
CA LEU A 152 -14.15 2.80 -8.58
C LEU A 152 -14.11 1.53 -9.42
N THR A 153 -13.49 1.62 -10.59
CA THR A 153 -13.39 0.46 -11.45
C THR A 153 -12.06 -0.23 -11.19
N PHE A 154 -11.95 -1.49 -11.64
CA PHE A 154 -10.71 -2.27 -11.52
C PHE A 154 -9.59 -1.63 -12.33
N GLU A 155 -9.91 -1.10 -13.52
CA GLU A 155 -8.97 -0.42 -14.40
C GLU A 155 -8.37 0.83 -13.71
N GLU A 156 -9.24 1.64 -13.05
CA GLU A 156 -8.80 2.84 -12.33
C GLU A 156 -7.94 2.40 -11.14
N TYR A 157 -8.43 1.42 -10.38
CA TYR A 157 -7.73 0.86 -9.21
C TYR A 157 -6.28 0.44 -9.55
N THR A 158 -6.09 -0.37 -10.61
CA THR A 158 -4.74 -0.84 -10.96
C THR A 158 -3.78 0.31 -11.31
N ILE A 159 -4.24 1.32 -12.06
CA ILE A 159 -3.35 2.45 -12.41
C ILE A 159 -3.01 3.24 -11.16
N MET A 160 -4.02 3.53 -10.33
CA MET A 160 -3.84 4.27 -9.07
C MET A 160 -2.83 3.57 -8.13
N LYS A 161 -2.88 2.23 -8.07
CA LYS A 161 -1.93 1.47 -7.24
C LYS A 161 -0.51 1.65 -7.74
N VAL A 162 -0.32 1.69 -9.07
CA VAL A 162 1.01 1.98 -9.63
C VAL A 162 1.42 3.40 -9.19
N LEU A 163 0.50 4.36 -9.30
CA LEU A 163 0.82 5.73 -8.87
C LEU A 163 1.21 5.80 -7.39
N LEU A 164 0.62 4.94 -6.53
CA LEU A 164 1.01 4.89 -5.12
C LEU A 164 2.42 4.38 -4.93
N LEU A 165 2.82 3.38 -5.73
CA LEU A 165 4.21 2.89 -5.67
C LEU A 165 5.19 4.03 -6.01
N LEU A 166 4.75 4.97 -6.85
CA LEU A 166 5.58 6.09 -7.29
C LEU A 166 5.21 7.44 -6.55
N SER A 167 4.63 7.35 -5.34
N SER A 167 4.61 7.34 -5.34
CA SER A 167 4.17 8.56 -4.65
CA SER A 167 4.12 8.52 -4.61
C SER A 167 5.03 9.13 -3.53
C SER A 167 5.03 9.13 -3.55
N THR A 168 6.13 8.45 -3.18
CA THR A 168 7.05 8.92 -2.13
C THR A 168 8.48 8.70 -2.58
N ILE A 169 9.31 9.77 -2.54
CA ILE A 169 10.72 9.69 -2.95
C ILE A 169 11.63 10.28 -1.85
N PRO A 170 12.98 10.10 -1.92
CA PRO A 170 13.85 10.76 -0.94
C PRO A 170 13.79 12.27 -1.16
N LYS A 171 14.02 13.05 -0.10
CA LYS A 171 14.02 14.51 -0.13
C LYS A 171 15.02 15.02 -1.21
N ASP A 172 16.16 14.35 -1.36
CA ASP A 172 17.20 14.70 -2.34
C ASP A 172 17.05 13.99 -3.70
N GLY A 173 15.88 13.38 -3.94
CA GLY A 173 15.57 12.70 -5.19
C GLY A 173 16.18 11.32 -5.33
N LEU A 174 15.78 10.62 -6.38
CA LEU A 174 16.27 9.28 -6.66
C LEU A 174 17.60 9.33 -7.44
N LYS A 175 18.25 8.16 -7.60
CA LYS A 175 19.51 8.05 -8.38
C LYS A 175 19.26 8.43 -9.86
N SER A 176 18.13 7.96 -10.41
CA SER A 176 17.71 8.28 -11.77
C SER A 176 16.34 8.97 -11.69
N GLN A 177 16.35 10.25 -11.27
CA GLN A 177 15.14 11.05 -11.11
C GLN A 177 14.38 11.23 -12.43
N ALA A 178 15.09 11.46 -13.56
CA ALA A 178 14.42 11.63 -14.86
C ALA A 178 13.66 10.39 -15.31
N ALA A 179 14.28 9.20 -15.15
CA ALA A 179 13.68 7.90 -15.48
C ALA A 179 12.39 7.72 -14.65
N PHE A 180 12.45 8.01 -13.34
CA PHE A 180 11.29 7.93 -12.43
C PHE A 180 10.18 8.85 -12.92
N GLU A 181 10.51 10.13 -13.18
CA GLU A 181 9.48 11.09 -13.60
C GLU A 181 8.80 10.69 -14.89
N GLU A 182 9.56 10.12 -15.84
CA GLU A 182 9.02 9.62 -17.11
C GLU A 182 7.96 8.52 -16.85
N MET A 183 8.32 7.55 -16.01
CA MET A 183 7.42 6.45 -15.65
C MET A 183 6.15 7.01 -14.98
N ARG A 184 6.32 7.86 -13.93
N ARG A 184 6.32 7.86 -13.93
CA ARG A 184 5.19 8.46 -13.21
CA ARG A 184 5.20 8.47 -13.21
C ARG A 184 4.25 9.25 -14.14
C ARG A 184 4.25 9.26 -14.12
N THR A 185 4.82 10.14 -14.97
CA THR A 185 4.04 10.98 -15.93
C THR A 185 3.23 10.10 -16.85
N ASN A 186 3.83 9.02 -17.34
CA ASN A 186 3.14 8.10 -18.24
C ASN A 186 1.95 7.38 -17.59
N TYR A 187 2.08 7.00 -16.29
CA TYR A 187 0.94 6.38 -15.60
C TYR A 187 -0.15 7.42 -15.27
N ILE A 188 0.24 8.70 -15.03
CA ILE A 188 -0.76 9.77 -14.82
C ILE A 188 -1.56 9.90 -16.15
N LYS A 189 -0.86 9.86 -17.32
CA LYS A 189 -1.52 9.93 -18.63
C LYS A 189 -2.46 8.75 -18.82
N GLU A 190 -2.05 7.52 -18.38
CA GLU A 190 -2.95 6.36 -18.46
C GLU A 190 -4.19 6.55 -17.60
N LEU A 191 -4.05 7.15 -16.39
CA LEU A 191 -5.21 7.38 -15.53
C LEU A 191 -6.18 8.36 -16.21
N ARG A 192 -5.66 9.44 -16.81
CA ARG A 192 -6.49 10.42 -17.53
C ARG A 192 -7.24 9.81 -18.73
N LYS A 193 -6.59 8.90 -19.46
CA LYS A 193 -7.24 8.19 -20.59
C LYS A 193 -8.33 7.24 -20.09
N MET A 194 -8.08 6.56 -18.96
CA MET A 194 -9.02 5.61 -18.36
C MET A 194 -10.32 6.24 -17.83
N VAL A 195 -10.24 7.45 -17.23
CA VAL A 195 -11.42 8.14 -16.68
C VAL A 195 -12.47 8.50 -17.72
N THR A 196 -12.04 8.71 -18.99
CA THR A 196 -12.92 9.00 -20.14
C THR A 196 -14.01 7.92 -20.33
N LYS A 197 -13.71 6.67 -19.92
CA LYS A 197 -14.62 5.52 -20.00
C LYS A 197 -15.79 5.62 -19.00
N SER A 198 -15.63 6.43 -17.93
CA SER A 198 -16.67 6.65 -16.90
C SER A 198 -17.11 8.13 -16.89
N GLN A 204 -18.39 14.51 -19.92
CA GLN A 204 -17.24 15.14 -19.25
C GLN A 204 -16.58 14.19 -18.26
N SER A 205 -15.24 14.18 -18.23
CA SER A 205 -14.47 13.28 -17.36
C SER A 205 -13.41 13.96 -16.48
N TRP A 206 -13.16 15.30 -16.68
CA TRP A 206 -12.19 16.04 -15.87
C TRP A 206 -12.54 15.95 -14.40
N GLN A 207 -13.86 15.97 -14.09
CA GLN A 207 -14.35 15.89 -12.72
C GLN A 207 -13.90 14.59 -12.06
N ARG A 208 -14.05 13.47 -12.78
CA ARG A 208 -13.65 12.16 -12.22
C ARG A 208 -12.16 12.11 -11.96
N PHE A 209 -11.36 12.61 -12.91
CA PHE A 209 -9.89 12.63 -12.76
C PHE A 209 -9.48 13.32 -11.44
N TYR A 210 -10.08 14.51 -11.15
CA TYR A 210 -9.76 15.22 -9.91
C TYR A 210 -10.31 14.54 -8.66
N GLN A 211 -11.41 13.75 -8.76
CA GLN A 211 -11.88 13.02 -7.59
C GLN A 211 -10.84 11.89 -7.30
N LEU A 212 -10.28 11.27 -8.35
CA LEU A 212 -9.28 10.19 -8.16
C LEU A 212 -7.94 10.72 -7.67
N THR A 213 -7.48 11.87 -8.21
CA THR A 213 -6.20 12.41 -7.71
C THR A 213 -6.37 12.87 -6.27
N LYS A 214 -7.56 13.41 -5.91
CA LYS A 214 -7.83 13.83 -4.51
C LYS A 214 -7.73 12.59 -3.60
N LEU A 215 -8.33 11.48 -4.02
CA LEU A 215 -8.29 10.23 -3.26
C LEU A 215 -6.84 9.75 -3.09
N LEU A 216 -6.04 9.77 -4.18
CA LEU A 216 -4.62 9.39 -4.11
C LEU A 216 -3.86 10.24 -3.10
N ASP A 217 -4.07 11.59 -3.14
CA ASP A 217 -3.43 12.51 -2.18
C ASP A 217 -3.80 12.20 -0.74
N SER A 218 -5.07 11.87 -0.47
CA SER A 218 -5.58 11.55 0.87
C SER A 218 -4.89 10.31 1.49
N MET A 219 -4.26 9.43 0.67
CA MET A 219 -3.55 8.24 1.19
C MET A 219 -2.34 8.67 2.03
N HIS A 220 -1.65 9.76 1.66
CA HIS A 220 -0.47 10.21 2.44
C HIS A 220 -0.76 10.41 3.94
N ASP A 221 -1.85 11.11 4.25
CA ASP A 221 -2.27 11.39 5.63
C ASP A 221 -2.63 10.14 6.41
N LEU A 222 -3.41 9.24 5.80
CA LEU A 222 -3.76 7.97 6.44
C LEU A 222 -2.49 7.13 6.70
N VAL A 223 -1.60 7.04 5.70
CA VAL A 223 -0.36 6.25 5.84
C VAL A 223 0.58 6.83 6.91
N SER A 224 0.64 8.16 7.02
CA SER A 224 1.46 8.81 8.04
C SER A 224 1.02 8.29 9.43
N ASP A 225 -0.31 8.19 9.66
CA ASP A 225 -0.86 7.71 10.93
C ASP A 225 -0.62 6.22 11.10
N LEU A 226 -0.77 5.43 10.01
CA LEU A 226 -0.53 3.97 10.09
C LEU A 226 0.94 3.70 10.44
N LEU A 227 1.86 4.42 9.78
CA LEU A 227 3.30 4.28 10.03
C LEU A 227 3.67 4.67 11.45
N GLU A 228 3.07 5.74 12.00
CA GLU A 228 3.34 6.13 13.40
C GLU A 228 3.03 4.96 14.33
N PHE A 229 1.89 4.27 14.12
CA PHE A 229 1.52 3.13 14.94
C PHE A 229 2.47 1.96 14.66
N CYS A 230 2.74 1.67 13.38
CA CYS A 230 3.64 0.58 12.99
C CYS A 230 4.99 0.73 13.71
N PHE A 231 5.60 1.93 13.61
CA PHE A 231 6.92 2.24 14.20
C PHE A 231 6.95 2.04 15.70
N TYR A 232 5.88 2.48 16.39
CA TYR A 232 5.71 2.32 17.83
C TYR A 232 5.73 0.84 18.21
N THR A 233 4.92 0.00 17.49
CA THR A 233 4.88 -1.44 17.79
C THR A 233 6.20 -2.14 17.46
N PHE A 234 6.94 -1.61 16.49
CA PHE A 234 8.23 -2.17 16.09
C PHE A 234 9.29 -1.88 17.17
N ARG A 235 9.32 -0.65 17.68
CA ARG A 235 10.24 -0.23 18.75
C ARG A 235 9.96 -0.94 20.07
N GLU A 236 8.68 -1.29 20.37
CA GLU A 236 8.26 -1.95 21.62
C GLU A 236 7.74 -3.42 21.41
N SER A 237 8.10 -4.06 20.29
CA SER A 237 7.67 -5.41 19.88
C SER A 237 7.69 -6.46 20.99
N HIS A 238 8.85 -6.65 21.67
CA HIS A 238 9.02 -7.64 22.74
C HIS A 238 8.06 -7.39 23.93
N ALA A 239 7.90 -6.11 24.33
CA ALA A 239 7.03 -5.68 25.43
C ALA A 239 5.56 -5.96 25.13
N LEU A 240 5.10 -5.59 23.91
CA LEU A 240 3.74 -5.76 23.42
C LEU A 240 3.46 -7.18 22.90
N LYS A 241 4.51 -8.01 22.76
CA LYS A 241 4.48 -9.39 22.23
C LYS A 241 3.96 -9.40 20.77
N VAL A 242 4.33 -8.37 19.99
CA VAL A 242 3.90 -8.24 18.58
C VAL A 242 5.04 -8.76 17.71
N GLU A 243 4.77 -9.81 16.92
CA GLU A 243 5.82 -10.40 16.08
C GLU A 243 5.87 -9.74 14.69
N PHE A 244 7.07 -9.68 14.12
CA PHE A 244 7.33 -9.14 12.77
C PHE A 244 8.07 -10.16 11.93
N PRO A 245 7.56 -10.44 10.70
CA PRO A 245 8.30 -11.36 9.81
C PRO A 245 9.55 -10.65 9.26
N ALA A 246 10.56 -11.42 8.81
CA ALA A 246 11.85 -10.89 8.32
C ALA A 246 11.68 -9.79 7.27
N MET A 247 10.73 -9.94 6.33
CA MET A 247 10.50 -8.93 5.24
C MET A 247 10.16 -7.59 5.86
N LEU A 248 9.28 -7.57 6.91
CA LEU A 248 8.91 -6.32 7.58
C LEU A 248 10.03 -5.77 8.42
N VAL A 249 10.79 -6.65 9.10
CA VAL A 249 11.92 -6.16 9.91
C VAL A 249 12.86 -5.38 9.02
N GLU A 250 13.16 -5.92 7.83
CA GLU A 250 14.07 -5.30 6.90
C GLU A 250 13.54 -3.99 6.39
N ILE A 251 12.29 -3.98 5.91
CA ILE A 251 11.67 -2.74 5.38
C ILE A 251 11.60 -1.65 6.45
N ILE A 252 11.04 -1.97 7.64
CA ILE A 252 10.87 -1.01 8.73
C ILE A 252 12.20 -0.49 9.27
N SER A 253 13.20 -1.39 9.46
CA SER A 253 14.54 -0.97 9.94
C SER A 253 15.17 0.11 9.03
N ASP A 254 14.93 0.03 7.72
N ASP A 254 14.95 0.04 7.70
CA ASP A 254 15.43 1.01 6.77
CA ASP A 254 15.46 1.00 6.72
C ASP A 254 14.55 2.26 6.83
C ASP A 254 14.57 2.26 6.65
N GLN A 255 13.24 2.05 6.67
CA GLN A 255 12.26 3.12 6.55
C GLN A 255 12.10 4.02 7.74
N LEU A 256 12.03 3.43 8.95
CA LEU A 256 11.81 4.15 10.20
C LEU A 256 12.75 5.36 10.42
N PRO A 257 14.10 5.20 10.38
CA PRO A 257 14.98 6.39 10.56
C PRO A 257 14.80 7.44 9.46
N LYS A 258 14.49 7.03 8.22
CA LYS A 258 14.32 7.95 7.08
C LYS A 258 13.07 8.79 7.22
N VAL A 259 11.95 8.14 7.55
CA VAL A 259 10.66 8.81 7.73
C VAL A 259 10.75 9.76 8.92
N GLU A 260 11.24 9.26 10.07
CA GLU A 260 11.35 10.06 11.29
C GLU A 260 12.32 11.24 11.20
N SER A 261 13.37 11.12 10.38
CA SER A 261 14.35 12.21 10.20
C SER A 261 13.93 13.23 9.12
N GLY A 262 12.75 13.04 8.49
CA GLY A 262 12.22 13.90 7.44
C GLY A 262 12.83 13.68 6.07
N ASN A 263 13.48 12.52 5.84
CA ASN A 263 14.08 12.25 4.53
C ASN A 263 13.05 11.89 3.44
N ALA A 264 11.83 11.53 3.83
CA ALA A 264 10.78 11.18 2.88
C ALA A 264 10.12 12.42 2.27
N LYS A 265 9.80 12.31 0.99
CA LYS A 265 9.12 13.36 0.26
C LYS A 265 7.84 12.79 -0.37
N PRO A 266 6.69 12.95 0.30
CA PRO A 266 5.43 12.54 -0.33
C PRO A 266 5.10 13.48 -1.51
N LEU A 267 4.76 12.90 -2.64
CA LEU A 267 4.43 13.63 -3.86
C LEU A 267 2.92 13.78 -3.89
N TYR A 268 2.45 15.00 -4.00
CA TYR A 268 1.04 15.35 -4.06
C TYR A 268 0.68 15.84 -5.44
N PHE A 269 -0.52 15.49 -5.89
CA PHE A 269 -1.06 16.04 -7.12
C PHE A 269 -1.44 17.49 -6.81
N HIS A 270 -2.07 17.69 -5.66
CA HIS A 270 -2.61 18.98 -5.25
C HIS A 270 -2.16 19.33 -3.86
N ARG A 271 -1.18 20.21 -3.79
CA ARG A 271 -0.58 20.65 -2.54
C ARG A 271 -1.56 21.25 -1.53
N LYS A 272 -1.36 20.91 -0.25
CA LYS A 272 -2.16 21.37 0.88
C LYS A 272 -1.76 22.80 1.25
N LYS B 1 23.50 -9.70 0.42
CA LYS B 1 22.28 -9.10 -0.16
C LYS B 1 21.11 -9.13 0.83
N SER B 2 20.32 -8.05 0.84
CA SER B 2 19.09 -7.93 1.64
C SER B 2 17.99 -8.77 0.96
N LEU B 3 16.86 -9.01 1.66
CA LEU B 3 15.74 -9.77 1.10
C LEU B 3 15.15 -9.10 -0.15
N LEU B 4 15.01 -7.75 -0.14
CA LEU B 4 14.52 -7.01 -1.30
C LEU B 4 15.47 -7.12 -2.48
N GLN B 5 16.79 -7.03 -2.24
CA GLN B 5 17.80 -7.14 -3.31
C GLN B 5 17.72 -8.52 -3.96
N GLN B 6 17.69 -9.58 -3.14
CA GLN B 6 17.59 -10.99 -3.57
C GLN B 6 16.36 -11.18 -4.46
N LEU B 7 15.17 -10.74 -3.99
CA LEU B 7 13.91 -10.85 -4.70
C LEU B 7 13.88 -10.07 -6.01
N LEU B 8 14.43 -8.83 -6.02
CA LEU B 8 14.44 -8.00 -7.21
C LEU B 8 15.44 -8.44 -8.27
N THR B 9 16.54 -9.10 -7.88
CA THR B 9 17.59 -9.52 -8.81
C THR B 9 17.52 -11.01 -9.24
N GLU B 10 16.67 -11.82 -8.58
CA GLU B 10 16.58 -13.24 -8.92
C GLU B 10 15.98 -13.53 -10.29
C3' NHE C . -8.49 -17.78 -1.74
C2' NHE C . -6.94 -17.71 -1.71
C1' NHE C . -6.21 -18.22 -2.98
C6' NHE C . -6.78 -17.58 -4.26
N NHE C . -4.74 -18.15 -2.89
C1 NHE C . -4.09 -18.95 -1.84
C2 NHE C . -2.65 -18.58 -1.65
S NHE C . -1.90 -18.97 -0.24
O1 NHE C . -2.28 -20.38 -0.10
O2 NHE C . -0.27 -18.78 -0.61
O3 NHE C . -2.06 -18.00 1.02
C5' NHE C . -8.36 -17.57 -4.39
C4' NHE C . -9.21 -17.46 -3.08
C1 MPD D . 0.10 -7.72 -2.73
C2 MPD D . -1.05 -6.74 -2.60
O2 MPD D . -2.13 -7.46 -1.97
CM MPD D . -0.70 -5.61 -1.65
C3 MPD D . -1.56 -6.13 -3.92
C4 MPD D . -0.55 -5.77 -5.02
O4 MPD D . -1.34 -5.60 -6.17
C5 MPD D . 0.27 -4.50 -4.83
S SO4 E . -14.60 14.95 -4.45
O1 SO4 E . -15.77 15.44 -5.19
O2 SO4 E . -14.72 13.53 -4.25
O3 SO4 E . -13.37 15.21 -5.23
O4 SO4 E . -14.50 15.62 -3.16
C1 EDO F . -16.71 -1.22 9.60
O1 EDO F . -17.69 -0.69 10.51
C2 EDO F . -16.39 -2.66 9.96
O2 EDO F . -17.60 -3.42 9.90
C1 EDO G . -8.38 17.03 -15.96
O1 EDO G . -8.81 16.71 -17.28
C2 EDO G . -6.87 16.87 -15.82
O2 EDO G . -6.19 17.55 -16.87
C1 6Q0 H . -3.23 -2.69 9.57
C2 6Q0 H . -2.90 -3.56 10.59
C3 6Q0 H . -2.36 -1.69 9.19
C7 6Q0 H . 1.05 -3.10 7.50
C8 6Q0 H . -1.68 -3.45 11.24
C9 6Q0 H . -1.14 -1.58 9.82
C10 6Q0 H . -0.93 -4.33 6.91
C11 6Q0 H . -2.03 -4.60 6.00
C12 6Q0 H . 1.17 -3.83 8.67
C13 6Q0 H . -0.81 -2.46 10.85
C14 6Q0 H . -2.49 -5.83 5.48
C15 6Q0 H . -2.87 -3.66 5.44
C16 6Q0 H . -1.98 -7.19 5.69
C4 6Q0 H . -0.80 -5.07 8.08
C5 6Q0 H . 0.01 -3.35 6.62
C6 6Q0 H . 0.25 -4.83 8.93
C17 6Q0 H . -3.05 -2.20 5.50
C18 6Q0 H . 2.28 -3.53 9.63
N19 6Q0 H . -3.52 -5.67 4.65
N20 6Q0 H . 1.83 -3.53 11.05
O21 6Q0 H . 1.27 -1.01 11.22
O22 6Q0 H . 0.54 -2.54 13.05
O23 6Q0 H . -3.76 -4.30 4.65
S24 6Q0 H . 0.78 -2.28 11.64
#